data_4ZGY
#
_entry.id   4ZGY
#
_cell.length_a   51.698
_cell.length_b   73.368
_cell.length_c   162.084
_cell.angle_alpha   90.00
_cell.angle_beta   90.00
_cell.angle_gamma   90.00
#
_symmetry.space_group_name_H-M   'P 21 21 21'
#
loop_
_entity.id
_entity.type
_entity.pdbx_description
1 polymer 'Ornithine decarboxylase'
2 polymer 'Ornithine decarboxylase antizyme 1'
3 non-polymer "PYRIDOXAL-5'-PHOSPHATE"
4 non-polymer 'MAGNESIUM ION'
5 water water
#
loop_
_entity_poly.entity_id
_entity_poly.type
_entity_poly.pdbx_seq_one_letter_code
_entity_poly.pdbx_strand_id
1 'polypeptide(L)'
;MGNNFGNEEFDCHFLDEGFTAKDILDQKINEVSSSDDKDAFYVADLGDILKKHLRWLKALPRVTPFYAVKCNDSKAIVKT
LAATGTGFDCASKTEIQLVQSLGVPPERIIYANPCKQVSQIKYAANNGVQMMTFDSEVELMKVARAHPKAKLVLRIATDD
SKAVCRLSVKFGATLRTSRLLLERAKELNIDVVGVSFHVGSGCTDPETFVQAISDARCVFDMGAEVGFSMYLLDIGGGFP
GSEDVKLKFEEITGVINPALDKYFPSDSGVRIIAEPGRYYVASAFTLAVNIIAKKIVLKEQTGSDDEDESSEQTFMYYVN
DGVYGSFNCILYDHAHVKPLLQKRPKPDEKYYSSSIWGPTCDGLDRIVERCDLPEMHVGDWMLFENMGAYTVAAASTFNG
FQRPTIYYVMSGPAWQLMQQFQ
;
A
2 'polypeptide(L)'
;MRGSHHHHHHFYSDDRLNVTEELTSNDKTRILNVQSRLTDAKRINWRTVLSGGSLYIEIPGGALPEGSKDSFAVLLEFAE
EQLRADHVFICFHKNREDRAALLRTFSFLGFEIVRPGHPLVPKRPDACFMAYTFE
;
B
#
# COMPACT_ATOMS: atom_id res chain seq x y z
N THR A 20 24.58 -13.38 12.87
CA THR A 20 23.43 -13.45 11.98
C THR A 20 22.77 -12.09 11.80
N ALA A 21 23.12 -11.16 12.68
CA ALA A 21 22.51 -9.83 12.65
C ALA A 21 23.37 -8.82 11.91
N LYS A 22 24.34 -8.25 12.62
CA LYS A 22 25.17 -7.19 12.05
C LYS A 22 26.50 -7.73 11.49
N ASP A 23 26.63 -9.06 11.44
CA ASP A 23 27.86 -9.67 10.92
C ASP A 23 28.01 -9.46 9.42
N ILE A 24 26.95 -9.79 8.68
CA ILE A 24 26.92 -9.59 7.24
C ILE A 24 26.94 -8.09 6.93
N LEU A 25 26.26 -7.31 7.76
CA LEU A 25 26.30 -5.86 7.67
C LEU A 25 27.73 -5.34 7.69
N ASP A 26 28.45 -5.67 8.76
CA ASP A 26 29.84 -5.25 8.93
C ASP A 26 30.73 -5.77 7.80
N GLN A 27 30.49 -7.01 7.39
CA GLN A 27 31.25 -7.61 6.30
C GLN A 27 31.06 -6.83 5.00
N LYS A 28 29.87 -6.31 4.79
CA LYS A 28 29.57 -5.54 3.59
C LYS A 28 30.01 -4.08 3.72
N ILE A 29 30.18 -3.62 4.96
CA ILE A 29 30.72 -2.29 5.23
C ILE A 29 32.22 -2.27 4.94
N ASN A 30 32.92 -3.29 5.40
CA ASN A 30 34.36 -3.38 5.20
C ASN A 30 34.76 -3.45 3.72
N GLU A 31 33.97 -4.16 2.93
CA GLU A 31 34.24 -4.30 1.50
C GLU A 31 33.00 -4.76 0.74
N LYS A 38 29.54 3.61 -0.50
CA LYS A 38 28.71 3.95 -1.66
C LYS A 38 27.22 3.68 -1.43
N ASP A 39 26.56 3.11 -2.44
CA ASP A 39 25.10 2.97 -2.46
C ASP A 39 24.48 2.34 -1.22
N ALA A 40 23.33 2.85 -0.81
CA ALA A 40 22.61 2.31 0.34
C ALA A 40 22.12 0.91 0.03
N PHE A 41 22.19 0.02 1.02
CA PHE A 41 21.82 -1.38 0.77
C PHE A 41 21.02 -1.99 1.93
N TYR A 42 20.46 -3.16 1.70
CA TYR A 42 19.64 -3.83 2.71
C TYR A 42 20.27 -5.14 3.16
N VAL A 43 20.07 -5.47 4.43
CA VAL A 43 20.32 -6.81 4.92
C VAL A 43 19.02 -7.37 5.48
N ALA A 44 18.58 -8.49 4.92
CA ALA A 44 17.30 -9.09 5.31
C ALA A 44 17.48 -10.49 5.87
N ASP A 45 16.76 -10.78 6.96
CA ASP A 45 16.82 -12.09 7.59
C ASP A 45 15.57 -12.91 7.32
N LEU A 46 15.70 -13.92 6.49
CA LEU A 46 14.57 -14.78 6.11
C LEU A 46 14.06 -15.61 7.30
N GLY A 47 14.97 -15.90 8.23
CA GLY A 47 14.62 -16.64 9.43
C GLY A 47 13.60 -15.89 10.25
N ASP A 48 13.71 -14.57 10.27
CA ASP A 48 12.74 -13.72 10.95
C ASP A 48 11.35 -13.87 10.31
N ILE A 49 11.34 -14.04 8.99
CA ILE A 49 10.10 -14.23 8.26
C ILE A 49 9.48 -15.59 8.59
N LEU A 50 10.30 -16.63 8.65
CA LEU A 50 9.82 -17.95 9.07
C LEU A 50 9.25 -17.88 10.48
N LYS A 51 9.93 -17.13 11.36
CA LYS A 51 9.45 -16.89 12.71
C LYS A 51 8.07 -16.24 12.68
N LYS A 52 7.92 -15.25 11.81
CA LYS A 52 6.65 -14.56 11.65
C LYS A 52 5.54 -15.51 11.22
N HIS A 53 5.86 -16.42 10.30
CA HIS A 53 4.88 -17.38 9.82
C HIS A 53 4.46 -18.37 10.89
N LEU A 54 5.43 -18.95 11.60
CA LEU A 54 5.14 -19.83 12.71
C LEU A 54 4.27 -19.13 13.75
N ARG A 55 4.63 -17.88 14.03
CA ARG A 55 3.92 -17.05 14.99
C ARG A 55 2.47 -16.84 14.56
N TRP A 56 2.26 -16.66 13.26
CA TRP A 56 0.93 -16.52 12.70
C TRP A 56 0.15 -17.83 12.85
N LEU A 57 0.83 -18.95 12.65
CA LEU A 57 0.21 -20.27 12.79
C LEU A 57 -0.27 -20.52 14.21
N LYS A 58 0.53 -20.10 15.18
CA LYS A 58 0.17 -20.26 16.58
C LYS A 58 -0.89 -19.25 17.05
N ALA A 59 -0.87 -18.04 16.47
CA ALA A 59 -1.76 -16.96 16.90
C ALA A 59 -3.15 -17.01 16.25
N LEU A 60 -3.18 -17.34 14.96
CA LEU A 60 -4.44 -17.44 14.22
C LEU A 60 -4.50 -18.76 13.47
N PRO A 61 -4.79 -19.86 14.18
CA PRO A 61 -4.78 -21.20 13.58
C PRO A 61 -5.92 -21.42 12.59
N ARG A 62 -6.97 -20.60 12.67
CA ARG A 62 -8.12 -20.77 11.77
C ARG A 62 -7.99 -19.91 10.51
N VAL A 63 -6.97 -19.08 10.45
CA VAL A 63 -6.86 -18.11 9.37
C VAL A 63 -5.68 -18.37 8.44
N THR A 64 -5.97 -18.46 7.15
CA THR A 64 -4.94 -18.66 6.13
C THR A 64 -4.40 -17.33 5.66
N PRO A 65 -3.09 -17.11 5.85
CA PRO A 65 -2.47 -15.86 5.42
C PRO A 65 -2.23 -15.80 3.91
N PHE A 66 -2.71 -14.73 3.30
CA PHE A 66 -2.41 -14.41 1.90
C PHE A 66 -1.53 -13.18 1.89
N TYR A 67 -0.23 -13.39 1.67
CA TYR A 67 0.75 -12.31 1.75
C TYR A 67 0.46 -11.19 0.76
N ALA A 68 0.36 -9.96 1.27
CA ALA A 68 0.15 -8.80 0.40
C ALA A 68 1.46 -8.43 -0.28
N VAL A 69 1.60 -8.83 -1.54
CA VAL A 69 2.84 -8.67 -2.28
C VAL A 69 3.28 -7.21 -2.43
N LYS A 70 2.32 -6.29 -2.54
CA LYS A 70 2.62 -4.87 -2.70
C LYS A 70 3.54 -4.34 -1.59
N CYS A 71 3.47 -4.96 -0.43
CA CYS A 71 4.27 -4.55 0.71
C CYS A 71 5.77 -4.68 0.43
N ASN A 72 6.14 -5.79 -0.20
CA ASN A 72 7.51 -6.08 -0.56
C ASN A 72 7.50 -7.20 -1.58
N ASP A 73 7.67 -6.86 -2.86
CA ASP A 73 7.55 -7.83 -3.93
C ASP A 73 8.89 -8.46 -4.32
N SER A 74 9.79 -8.58 -3.35
CA SER A 74 11.08 -9.21 -3.61
C SER A 74 10.93 -10.70 -3.88
N LYS A 75 11.60 -11.19 -4.92
CA LYS A 75 11.44 -12.57 -5.37
C LYS A 75 11.74 -13.59 -4.27
N ALA A 76 12.75 -13.29 -3.45
CA ALA A 76 13.14 -14.18 -2.36
C ALA A 76 12.07 -14.29 -1.28
N ILE A 77 11.44 -13.16 -0.94
CA ILE A 77 10.37 -13.14 0.05
C ILE A 77 9.20 -14.00 -0.42
N VAL A 78 8.73 -13.71 -1.63
CA VAL A 78 7.60 -14.41 -2.21
C VAL A 78 7.88 -15.90 -2.38
N LYS A 79 9.12 -16.24 -2.73
CA LYS A 79 9.53 -17.64 -2.85
C LYS A 79 9.53 -18.36 -1.50
N THR A 80 10.05 -17.69 -0.47
CA THR A 80 10.05 -18.23 0.88
C THR A 80 8.63 -18.52 1.36
N LEU A 81 7.77 -17.51 1.25
CA LEU A 81 6.39 -17.64 1.67
C LEU A 81 5.59 -18.62 0.82
N ALA A 82 6.00 -18.79 -0.44
CA ALA A 82 5.38 -19.77 -1.32
C ALA A 82 5.72 -21.15 -0.80
N ALA A 83 6.99 -21.35 -0.49
CA ALA A 83 7.45 -22.63 0.05
C ALA A 83 6.72 -22.97 1.34
N THR A 84 6.56 -21.97 2.20
CA THR A 84 5.90 -22.19 3.48
C THR A 84 4.39 -22.46 3.32
N GLY A 85 3.86 -22.10 2.14
CA GLY A 85 2.48 -22.41 1.81
C GLY A 85 1.45 -21.34 2.13
N THR A 86 1.82 -20.07 1.99
CA THR A 86 0.86 -19.00 2.17
C THR A 86 0.13 -18.73 0.86
N GLY A 87 -0.94 -17.94 0.93
CA GLY A 87 -1.61 -17.46 -0.26
C GLY A 87 -0.98 -16.15 -0.68
N PHE A 88 -1.51 -15.53 -1.73
CA PHE A 88 -0.97 -14.26 -2.17
C PHE A 88 -2.02 -13.25 -2.60
N ASP A 89 -2.02 -12.11 -1.92
CA ASP A 89 -2.87 -10.99 -2.26
C ASP A 89 -2.16 -10.11 -3.28
N CYS A 90 -2.54 -10.26 -4.54
CA CYS A 90 -1.94 -9.50 -5.63
C CYS A 90 -2.82 -8.31 -6.01
N ALA A 91 -2.19 -7.25 -6.50
CA ALA A 91 -2.92 -6.02 -6.79
C ALA A 91 -2.73 -5.55 -8.22
N SER A 92 -2.07 -6.36 -9.05
CA SER A 92 -1.77 -5.97 -10.43
C SER A 92 -1.38 -7.15 -11.30
N LYS A 93 -1.28 -6.92 -12.60
CA LYS A 93 -0.82 -7.95 -13.54
C LYS A 93 0.59 -8.37 -13.18
N THR A 94 1.41 -7.41 -12.77
CA THR A 94 2.81 -7.68 -12.44
C THR A 94 2.94 -8.65 -11.27
N GLU A 95 2.20 -8.40 -10.20
CA GLU A 95 2.28 -9.25 -9.01
C GLU A 95 1.73 -10.64 -9.30
N ILE A 96 0.67 -10.70 -10.08
CA ILE A 96 0.08 -11.98 -10.49
C ILE A 96 1.07 -12.78 -11.31
N GLN A 97 1.71 -12.11 -12.27
CA GLN A 97 2.70 -12.74 -13.14
C GLN A 97 3.90 -13.24 -12.35
N LEU A 98 4.36 -12.43 -11.40
CA LEU A 98 5.46 -12.82 -10.51
C LEU A 98 5.11 -14.05 -9.69
N VAL A 99 3.99 -13.99 -8.98
CA VAL A 99 3.55 -15.10 -8.13
C VAL A 99 3.35 -16.39 -8.93
N GLN A 100 2.71 -16.28 -10.09
CA GLN A 100 2.51 -17.43 -10.96
C GLN A 100 3.84 -17.97 -11.50
N SER A 101 4.81 -17.10 -11.72
CA SER A 101 6.09 -17.51 -12.26
C SER A 101 6.94 -18.22 -11.21
N LEU A 102 6.36 -18.49 -10.05
CA LEU A 102 7.05 -19.20 -8.99
C LEU A 102 6.37 -20.53 -8.70
N GLY A 103 5.42 -20.90 -9.55
CA GLY A 103 4.75 -22.18 -9.46
C GLY A 103 3.53 -22.18 -8.56
N VAL A 104 3.10 -20.99 -8.14
CA VAL A 104 1.94 -20.87 -7.27
C VAL A 104 0.63 -21.03 -8.04
N PRO A 105 -0.19 -22.00 -7.64
CA PRO A 105 -1.49 -22.21 -8.29
C PRO A 105 -2.43 -21.05 -8.05
N PRO A 106 -3.34 -20.78 -9.01
CA PRO A 106 -4.32 -19.68 -8.94
C PRO A 106 -5.18 -19.73 -7.69
N GLU A 107 -5.38 -20.93 -7.14
CA GLU A 107 -6.20 -21.10 -5.95
C GLU A 107 -5.62 -20.39 -4.72
N ARG A 108 -4.34 -20.05 -4.77
CA ARG A 108 -3.67 -19.38 -3.67
C ARG A 108 -3.50 -17.88 -3.95
N ILE A 109 -4.26 -17.37 -4.90
CA ILE A 109 -4.17 -15.97 -5.28
C ILE A 109 -5.52 -15.27 -5.19
N ILE A 110 -5.53 -14.09 -4.56
CA ILE A 110 -6.70 -13.23 -4.62
C ILE A 110 -6.32 -11.87 -5.22
N TYR A 111 -7.12 -11.42 -6.19
CA TYR A 111 -6.93 -10.10 -6.77
C TYR A 111 -7.72 -9.08 -5.95
N ALA A 112 -7.02 -8.35 -5.08
CA ALA A 112 -7.70 -7.44 -4.15
C ALA A 112 -7.27 -5.98 -4.27
N ASN A 113 -7.35 -5.45 -5.49
CA ASN A 113 -7.06 -4.04 -5.73
C ASN A 113 -8.34 -3.23 -5.59
N PRO A 114 -8.30 -2.18 -4.74
CA PRO A 114 -9.48 -1.33 -4.51
C PRO A 114 -10.03 -0.67 -5.77
N CYS A 115 -9.19 -0.51 -6.78
CA CYS A 115 -9.64 0.04 -8.06
C CYS A 115 -8.99 -0.72 -9.22
N LYS A 116 -9.80 -1.53 -9.90
CA LYS A 116 -9.31 -2.35 -11.00
C LYS A 116 -9.74 -1.78 -12.35
N GLN A 117 -8.91 -1.98 -13.37
CA GLN A 117 -9.28 -1.61 -14.73
C GLN A 117 -9.71 -2.85 -15.50
N VAL A 118 -10.40 -2.64 -16.62
CA VAL A 118 -10.92 -3.74 -17.44
C VAL A 118 -9.80 -4.68 -17.87
N SER A 119 -8.68 -4.12 -18.31
CA SER A 119 -7.55 -4.92 -18.78
C SER A 119 -6.96 -5.79 -17.67
N GLN A 120 -6.91 -5.25 -16.47
CA GLN A 120 -6.39 -5.97 -15.31
C GLN A 120 -7.22 -7.22 -15.05
N ILE A 121 -8.52 -6.99 -14.88
CA ILE A 121 -9.49 -8.05 -14.65
C ILE A 121 -9.45 -9.07 -15.79
N LYS A 122 -9.26 -8.58 -17.01
CA LYS A 122 -9.14 -9.43 -18.18
C LYS A 122 -7.94 -10.36 -18.05
N TYR A 123 -6.82 -9.81 -17.61
CA TYR A 123 -5.61 -10.61 -17.39
C TYR A 123 -5.85 -11.66 -16.33
N ALA A 124 -6.57 -11.28 -15.28
CA ALA A 124 -6.90 -12.23 -14.21
C ALA A 124 -7.76 -13.38 -14.74
N ALA A 125 -8.74 -13.05 -15.58
CA ALA A 125 -9.64 -14.05 -16.13
C ALA A 125 -8.88 -15.00 -17.07
N ASN A 126 -7.99 -14.45 -17.88
CA ASN A 126 -7.24 -15.25 -18.84
C ASN A 126 -6.22 -16.17 -18.18
N ASN A 127 -5.77 -15.80 -16.98
CA ASN A 127 -4.71 -16.56 -16.30
C ASN A 127 -5.18 -17.40 -15.11
N GLY A 128 -6.48 -17.68 -15.04
CA GLY A 128 -7.01 -18.63 -14.07
C GLY A 128 -7.34 -18.10 -12.68
N VAL A 129 -7.12 -16.82 -12.45
CA VAL A 129 -7.37 -16.25 -11.12
C VAL A 129 -8.87 -16.06 -10.89
N GLN A 130 -9.40 -16.72 -9.85
CA GLN A 130 -10.83 -16.72 -9.60
C GLN A 130 -11.24 -15.68 -8.55
N MET A 131 -10.64 -15.74 -7.37
CA MET A 131 -10.99 -14.84 -6.28
C MET A 131 -10.63 -13.39 -6.58
N MET A 132 -11.61 -12.51 -6.41
CA MET A 132 -11.46 -11.11 -6.76
C MET A 132 -12.38 -10.26 -5.89
N THR A 133 -11.91 -9.08 -5.49
CA THR A 133 -12.70 -8.20 -4.64
C THR A 133 -13.44 -7.14 -5.42
N PHE A 134 -14.42 -6.52 -4.76
CA PHE A 134 -15.17 -5.41 -5.32
C PHE A 134 -15.92 -4.74 -4.19
N ASP A 135 -16.16 -3.44 -4.32
CA ASP A 135 -16.88 -2.69 -3.29
C ASP A 135 -17.85 -1.70 -3.92
N SER A 136 -17.96 -1.76 -5.24
CA SER A 136 -18.68 -0.75 -5.99
C SER A 136 -19.40 -1.35 -7.18
N GLU A 137 -20.40 -0.63 -7.70
CA GLU A 137 -21.16 -1.10 -8.85
C GLU A 137 -20.32 -1.02 -10.13
N VAL A 138 -19.40 -0.07 -10.19
CA VAL A 138 -18.54 0.05 -11.37
C VAL A 138 -17.59 -1.14 -11.49
N GLU A 139 -16.98 -1.52 -10.37
CA GLU A 139 -16.08 -2.67 -10.33
C GLU A 139 -16.87 -3.93 -10.67
N LEU A 140 -18.11 -3.96 -10.19
CA LEU A 140 -19.00 -5.10 -10.44
C LEU A 140 -19.34 -5.24 -11.92
N MET A 141 -19.72 -4.15 -12.54
CA MET A 141 -20.07 -4.15 -13.96
C MET A 141 -18.86 -4.47 -14.81
N LYS A 142 -17.69 -4.01 -14.39
CA LYS A 142 -16.45 -4.34 -15.08
C LYS A 142 -16.13 -5.82 -14.97
N VAL A 143 -16.37 -6.40 -13.79
CA VAL A 143 -16.18 -7.82 -13.57
C VAL A 143 -17.13 -8.65 -14.44
N ALA A 144 -18.39 -8.23 -14.48
CA ALA A 144 -19.37 -8.89 -15.34
C ALA A 144 -18.97 -8.74 -16.80
N ARG A 145 -18.25 -7.67 -17.10
CA ARG A 145 -17.83 -7.38 -18.47
C ARG A 145 -16.67 -8.26 -18.93
N ALA A 146 -15.67 -8.42 -18.08
CA ALA A 146 -14.43 -9.09 -18.48
C ALA A 146 -14.22 -10.46 -17.85
N HIS A 147 -14.74 -10.65 -16.65
CA HIS A 147 -14.52 -11.91 -15.94
C HIS A 147 -15.80 -12.48 -15.31
N PRO A 148 -16.72 -12.97 -16.16
CA PRO A 148 -17.86 -13.69 -15.59
C PRO A 148 -17.37 -15.01 -14.98
N LYS A 149 -18.20 -15.65 -14.16
CA LYS A 149 -17.82 -16.88 -13.48
C LYS A 149 -16.64 -16.68 -12.52
N ALA A 150 -16.35 -15.43 -12.22
CA ALA A 150 -15.36 -15.09 -11.19
C ALA A 150 -15.99 -15.23 -9.82
N LYS A 151 -15.18 -15.52 -8.82
CA LYS A 151 -15.69 -15.65 -7.46
C LYS A 151 -15.47 -14.35 -6.71
N LEU A 152 -16.53 -13.53 -6.66
CA LEU A 152 -16.43 -12.19 -6.09
C LEU A 152 -16.50 -12.18 -4.57
N VAL A 153 -15.64 -11.35 -3.98
CA VAL A 153 -15.62 -11.14 -2.54
C VAL A 153 -15.93 -9.69 -2.27
N LEU A 154 -17.09 -9.43 -1.66
CA LEU A 154 -17.54 -8.07 -1.41
C LEU A 154 -16.78 -7.41 -0.27
N ARG A 155 -16.09 -6.32 -0.58
CA ARG A 155 -15.36 -5.59 0.45
C ARG A 155 -16.22 -4.56 1.19
N ILE A 156 -16.29 -4.68 2.51
CA ILE A 156 -17.09 -3.77 3.32
C ILE A 156 -16.22 -2.74 4.02
N ALA A 157 -16.81 -1.59 4.35
CA ALA A 157 -16.09 -0.52 5.01
C ALA A 157 -15.86 -0.83 6.48
N THR A 158 -14.88 -0.16 7.08
CA THR A 158 -14.64 -0.27 8.51
C THR A 158 -14.68 1.10 9.15
N ASP A 159 -14.83 1.14 10.47
CA ASP A 159 -14.94 2.40 11.19
C ASP A 159 -13.61 3.17 11.19
N ASP A 160 -13.65 4.38 10.65
CA ASP A 160 -12.45 5.21 10.54
C ASP A 160 -12.23 6.01 11.81
N SER A 161 -12.14 5.30 12.95
CA SER A 161 -11.97 5.92 14.26
C SER A 161 -13.03 6.97 14.56
N CYS A 165 -3.83 8.57 10.12
CA CYS A 165 -4.30 7.21 9.93
C CYS A 165 -5.52 7.17 9.00
N ARG A 166 -6.36 8.20 9.08
CA ARG A 166 -7.58 8.27 8.29
C ARG A 166 -7.27 8.44 6.80
N LEU A 167 -8.28 8.24 5.96
CA LEU A 167 -8.13 8.39 4.52
C LEU A 167 -9.07 9.48 3.99
N SER A 168 -8.75 10.01 2.81
CA SER A 168 -9.48 11.13 2.25
C SER A 168 -10.73 10.68 1.51
N VAL A 169 -10.85 9.37 1.33
CA VAL A 169 -11.92 8.79 0.53
C VAL A 169 -12.37 7.48 1.16
N LYS A 170 -13.69 7.25 1.17
CA LYS A 170 -14.26 6.05 1.77
C LYS A 170 -13.95 4.80 0.95
N PHE A 171 -13.37 3.79 1.58
CA PHE A 171 -13.10 2.51 0.94
C PHE A 171 -13.99 1.41 1.49
N GLY A 172 -14.57 0.61 0.60
CA GLY A 172 -15.44 -0.47 1.01
C GLY A 172 -16.90 -0.05 1.05
N ALA A 173 -17.79 -1.02 0.90
CA ALA A 173 -19.21 -0.74 0.85
C ALA A 173 -19.83 -0.62 2.24
N THR A 174 -20.81 0.28 2.36
CA THR A 174 -21.65 0.32 3.55
C THR A 174 -22.58 -0.88 3.52
N LEU A 175 -23.28 -1.14 4.61
CA LEU A 175 -24.21 -2.25 4.69
C LEU A 175 -25.32 -2.15 3.65
N ARG A 176 -25.89 -0.94 3.54
CA ARG A 176 -26.95 -0.67 2.58
C ARG A 176 -26.45 -0.94 1.16
N THR A 177 -25.31 -0.34 0.84
CA THR A 177 -24.65 -0.54 -0.43
C THR A 177 -24.36 -2.03 -0.64
N SER A 178 -23.94 -2.71 0.41
CA SER A 178 -23.65 -4.15 0.32
C SER A 178 -24.87 -4.93 -0.14
N ARG A 179 -26.02 -4.65 0.46
CA ARG A 179 -27.27 -5.30 0.07
C ARG A 179 -27.59 -5.01 -1.39
N LEU A 180 -27.54 -3.74 -1.76
CA LEU A 180 -27.83 -3.34 -3.14
C LEU A 180 -26.91 -4.04 -4.15
N LEU A 181 -25.64 -4.17 -3.78
CA LEU A 181 -24.64 -4.79 -4.64
C LEU A 181 -24.86 -6.30 -4.75
N LEU A 182 -25.32 -6.91 -3.66
CA LEU A 182 -25.66 -8.33 -3.68
C LEU A 182 -26.79 -8.57 -4.67
N GLU A 183 -27.85 -7.79 -4.53
CA GLU A 183 -28.99 -7.88 -5.44
C GLU A 183 -28.57 -7.65 -6.89
N ARG A 184 -27.71 -6.64 -7.10
CA ARG A 184 -27.21 -6.33 -8.44
C ARG A 184 -26.37 -7.48 -9.00
N ALA A 185 -25.66 -8.17 -8.12
CA ALA A 185 -24.79 -9.27 -8.51
C ALA A 185 -25.61 -10.47 -8.96
N LYS A 186 -26.60 -10.83 -8.15
CA LYS A 186 -27.49 -11.92 -8.51
C LYS A 186 -28.23 -11.55 -9.79
N GLU A 187 -28.50 -10.26 -9.95
CA GLU A 187 -29.15 -9.73 -11.15
C GLU A 187 -28.27 -9.91 -12.38
N LEU A 188 -26.96 -9.83 -12.19
CA LEU A 188 -26.01 -10.00 -13.29
C LEU A 188 -25.47 -11.42 -13.37
N ASN A 189 -26.05 -12.31 -12.55
CA ASN A 189 -25.64 -13.71 -12.51
C ASN A 189 -24.15 -13.90 -12.16
N ILE A 190 -23.62 -13.03 -11.32
CA ILE A 190 -22.25 -13.15 -10.83
C ILE A 190 -22.24 -13.82 -9.46
N ASP A 191 -21.27 -14.71 -9.25
CA ASP A 191 -21.20 -15.47 -8.00
C ASP A 191 -20.43 -14.73 -6.91
N VAL A 192 -21.14 -14.39 -5.83
CA VAL A 192 -20.50 -13.77 -4.67
C VAL A 192 -20.31 -14.82 -3.57
N VAL A 193 -19.06 -15.08 -3.22
CA VAL A 193 -18.76 -16.19 -2.32
C VAL A 193 -18.27 -15.78 -0.94
N GLY A 194 -18.17 -14.48 -0.68
CA GLY A 194 -17.68 -14.03 0.60
C GLY A 194 -17.61 -12.55 0.84
N VAL A 195 -16.96 -12.17 1.94
CA VAL A 195 -16.83 -10.77 2.33
C VAL A 195 -15.41 -10.49 2.81
N SER A 196 -14.88 -9.32 2.45
CA SER A 196 -13.59 -8.88 2.96
C SER A 196 -13.67 -7.48 3.54
N PHE A 197 -12.71 -7.17 4.41
CA PHE A 197 -12.57 -5.81 4.92
C PHE A 197 -11.10 -5.56 5.22
N HIS A 198 -10.74 -4.30 5.43
CA HIS A 198 -9.34 -3.96 5.70
C HIS A 198 -9.25 -2.79 6.66
N VAL A 199 -8.97 -3.11 7.93
CA VAL A 199 -8.86 -2.11 8.98
C VAL A 199 -7.72 -1.13 8.70
N GLY A 200 -6.54 -1.65 8.39
CA GLY A 200 -5.39 -0.82 8.12
C GLY A 200 -4.40 -0.81 9.28
N SER A 201 -3.20 -0.30 9.01
CA SER A 201 -2.14 -0.29 10.00
C SER A 201 -2.30 0.82 11.04
N GLY A 202 -3.18 1.77 10.75
CA GLY A 202 -3.41 2.89 11.64
C GLY A 202 -4.30 2.56 12.83
N CYS A 203 -4.66 1.30 12.96
CA CYS A 203 -5.55 0.86 14.03
C CYS A 203 -4.92 1.01 15.41
N THR A 204 -5.72 1.51 16.35
CA THR A 204 -5.27 1.65 17.74
C THR A 204 -6.26 0.97 18.67
N ASP A 205 -7.31 0.41 18.09
CA ASP A 205 -8.37 -0.23 18.86
C ASP A 205 -8.81 -1.53 18.20
N PRO A 206 -8.48 -2.67 18.82
CA PRO A 206 -8.80 -4.00 18.28
C PRO A 206 -10.29 -4.22 18.12
N GLU A 207 -11.09 -3.41 18.83
CA GLU A 207 -12.54 -3.43 18.70
C GLU A 207 -12.97 -3.26 17.24
N THR A 208 -12.22 -2.44 16.50
CA THR A 208 -12.45 -2.22 15.08
C THR A 208 -12.57 -3.53 14.29
N PHE A 209 -11.81 -4.54 14.72
CA PHE A 209 -11.91 -5.85 14.08
C PHE A 209 -13.26 -6.50 14.39
N VAL A 210 -13.60 -6.56 15.68
CA VAL A 210 -14.84 -7.20 16.13
C VAL A 210 -16.04 -6.66 15.35
N GLN A 211 -16.23 -5.35 15.42
CA GLN A 211 -17.27 -4.66 14.65
C GLN A 211 -17.27 -5.13 13.20
N ALA A 212 -16.11 -5.06 12.56
CA ALA A 212 -15.99 -5.42 11.16
C ALA A 212 -16.50 -6.85 10.96
N ILE A 213 -16.02 -7.74 11.83
CA ILE A 213 -16.41 -9.14 11.73
C ILE A 213 -17.92 -9.25 11.88
N SER A 214 -18.46 -8.54 12.87
CA SER A 214 -19.90 -8.51 13.08
C SER A 214 -20.57 -8.10 11.79
N ASP A 215 -20.08 -7.02 11.20
CA ASP A 215 -20.68 -6.48 9.98
C ASP A 215 -20.60 -7.51 8.87
N ALA A 216 -19.47 -8.21 8.80
CA ALA A 216 -19.27 -9.20 7.76
C ALA A 216 -20.37 -10.24 7.86
N ARG A 217 -20.67 -10.65 9.10
CA ARG A 217 -21.70 -11.66 9.32
C ARG A 217 -23.02 -11.12 8.79
N CYS A 218 -23.29 -9.86 9.13
CA CYS A 218 -24.53 -9.21 8.72
C CYS A 218 -24.63 -9.18 7.19
N VAL A 219 -23.48 -9.13 6.52
CA VAL A 219 -23.50 -9.16 5.06
C VAL A 219 -23.65 -10.61 4.57
N PHE A 220 -22.96 -11.52 5.24
CA PHE A 220 -23.09 -12.96 4.92
C PHE A 220 -24.56 -13.35 4.90
N ASP A 221 -25.25 -13.04 6.00
CA ASP A 221 -26.68 -13.30 6.11
C ASP A 221 -27.47 -12.68 4.96
N MET A 222 -27.12 -11.44 4.61
CA MET A 222 -27.80 -10.75 3.51
C MET A 222 -27.69 -11.62 2.26
N GLY A 223 -26.49 -12.14 2.03
CA GLY A 223 -26.22 -12.99 0.88
C GLY A 223 -27.13 -14.20 0.89
N ALA A 224 -27.31 -14.78 2.07
CA ALA A 224 -28.17 -15.95 2.22
C ALA A 224 -29.60 -15.65 1.79
N GLU A 225 -30.02 -14.40 1.97
CA GLU A 225 -31.37 -14.00 1.60
C GLU A 225 -31.48 -13.74 0.11
N VAL A 226 -30.35 -13.42 -0.53
CA VAL A 226 -30.33 -13.17 -1.97
C VAL A 226 -30.22 -14.50 -2.73
N GLY A 227 -29.74 -15.53 -2.03
CA GLY A 227 -29.57 -16.84 -2.64
C GLY A 227 -28.11 -17.20 -2.85
N PHE A 228 -27.22 -16.45 -2.21
CA PHE A 228 -25.79 -16.75 -2.27
C PHE A 228 -25.36 -17.68 -1.15
N SER A 229 -24.49 -18.63 -1.48
CA SER A 229 -23.89 -19.50 -0.48
C SER A 229 -22.46 -19.06 -0.24
N MET A 230 -22.27 -18.14 0.70
CA MET A 230 -20.96 -17.57 0.96
C MET A 230 -20.20 -18.35 2.01
N TYR A 231 -18.89 -18.46 1.82
CA TYR A 231 -18.06 -19.30 2.69
C TYR A 231 -16.69 -18.67 3.00
N LEU A 232 -16.37 -17.59 2.30
CA LEU A 232 -15.03 -17.00 2.43
C LEU A 232 -15.05 -15.69 3.22
N LEU A 233 -14.31 -15.69 4.33
CA LEU A 233 -14.14 -14.47 5.11
C LEU A 233 -12.69 -14.02 5.01
N ASP A 234 -12.50 -12.76 4.65
CA ASP A 234 -11.17 -12.19 4.52
C ASP A 234 -11.03 -10.98 5.43
N ILE A 235 -10.24 -11.11 6.49
CA ILE A 235 -10.07 -10.05 7.47
C ILE A 235 -8.94 -9.08 7.12
N GLY A 236 -8.50 -9.08 5.87
CA GLY A 236 -7.51 -8.14 5.39
C GLY A 236 -6.20 -8.14 6.16
N GLY A 237 -5.56 -6.97 6.22
CA GLY A 237 -4.27 -6.84 6.87
C GLY A 237 -4.24 -5.73 7.91
N GLY A 238 -3.08 -5.09 8.05
CA GLY A 238 -2.93 -4.01 9.01
C GLY A 238 -2.20 -4.45 10.27
N PHE A 239 -1.98 -5.76 10.39
CA PHE A 239 -1.24 -6.32 11.51
C PHE A 239 0.19 -5.81 11.54
N PRO A 240 0.67 -5.40 12.72
CA PRO A 240 1.98 -4.77 12.92
C PRO A 240 3.15 -5.71 12.62
N GLY A 241 4.24 -5.15 12.12
CA GLY A 241 5.39 -5.94 11.71
C GLY A 241 6.54 -5.94 12.69
N SER A 242 6.41 -5.15 13.75
CA SER A 242 7.43 -5.12 14.80
C SER A 242 6.79 -4.94 16.17
N GLU A 243 7.57 -5.18 17.21
CA GLU A 243 7.10 -5.00 18.58
C GLU A 243 7.17 -3.54 18.99
N ASP A 244 7.78 -2.71 18.15
CA ASP A 244 7.94 -1.29 18.45
C ASP A 244 6.65 -0.50 18.15
N VAL A 245 5.52 -1.12 18.45
CA VAL A 245 4.22 -0.49 18.25
C VAL A 245 3.42 -0.50 19.55
N LYS A 246 2.33 0.25 19.57
CA LYS A 246 1.46 0.28 20.74
C LYS A 246 0.63 -0.99 20.83
N LEU A 247 -0.14 -1.26 19.78
CA LEU A 247 -1.02 -2.42 19.74
C LEU A 247 -0.31 -3.62 19.14
N LYS A 248 0.16 -4.51 20.01
CA LYS A 248 0.89 -5.70 19.58
C LYS A 248 0.01 -6.67 18.79
N PHE A 249 0.65 -7.50 17.98
CA PHE A 249 -0.02 -8.48 17.13
C PHE A 249 -0.85 -9.49 17.94
N GLU A 250 -0.23 -10.09 18.95
CA GLU A 250 -0.93 -11.05 19.80
C GLU A 250 -2.10 -10.40 20.55
N GLU A 251 -1.98 -9.12 20.88
CA GLU A 251 -3.05 -8.39 21.52
C GLU A 251 -4.24 -8.24 20.59
N ILE A 252 -3.97 -8.12 19.29
CA ILE A 252 -5.02 -8.01 18.29
C ILE A 252 -5.69 -9.37 18.06
N THR A 253 -4.87 -10.39 17.81
CA THR A 253 -5.37 -11.73 17.56
C THR A 253 -6.17 -12.28 18.74
N GLY A 254 -5.77 -11.89 19.96
CA GLY A 254 -6.44 -12.31 21.17
C GLY A 254 -7.86 -11.80 21.25
N VAL A 255 -8.15 -10.76 20.48
CA VAL A 255 -9.49 -10.20 20.38
C VAL A 255 -10.19 -10.73 19.13
N ILE A 256 -9.41 -10.94 18.08
CA ILE A 256 -9.93 -11.48 16.82
C ILE A 256 -10.53 -12.87 16.98
N ASN A 257 -9.75 -13.78 17.57
CA ASN A 257 -10.17 -15.17 17.73
C ASN A 257 -11.53 -15.42 18.39
N PRO A 258 -11.82 -14.75 19.54
CA PRO A 258 -13.15 -14.96 20.10
C PRO A 258 -14.25 -14.37 19.22
N ALA A 259 -13.94 -13.28 18.53
CA ALA A 259 -14.90 -12.66 17.61
C ALA A 259 -15.24 -13.61 16.47
N LEU A 260 -14.21 -14.29 15.95
CA LEU A 260 -14.40 -15.26 14.89
C LEU A 260 -15.25 -16.43 15.36
N ASP A 261 -14.94 -16.96 16.55
CA ASP A 261 -15.66 -18.11 17.09
C ASP A 261 -17.16 -17.83 17.27
N LYS A 262 -17.49 -16.59 17.62
CA LYS A 262 -18.86 -16.19 17.86
C LYS A 262 -19.64 -15.98 16.57
N TYR A 263 -19.08 -15.19 15.65
CA TYR A 263 -19.78 -14.82 14.43
C TYR A 263 -19.53 -15.78 13.27
N PHE A 264 -18.43 -16.51 13.32
CA PHE A 264 -18.09 -17.47 12.27
C PHE A 264 -17.50 -18.74 12.87
N PRO A 265 -18.35 -19.58 13.50
CA PRO A 265 -17.87 -20.82 14.13
C PRO A 265 -17.36 -21.81 13.08
N SER A 266 -16.43 -22.66 13.49
CA SER A 266 -15.83 -23.64 12.58
C SER A 266 -16.88 -24.55 11.93
N ASP A 267 -17.91 -24.91 12.70
CA ASP A 267 -18.94 -25.82 12.23
C ASP A 267 -19.68 -25.32 10.99
N SER A 268 -19.69 -24.00 10.80
CA SER A 268 -20.36 -23.40 9.65
C SER A 268 -19.65 -23.73 8.34
N GLY A 269 -18.39 -24.14 8.43
CA GLY A 269 -17.60 -24.45 7.26
C GLY A 269 -17.06 -23.21 6.57
N VAL A 270 -17.03 -22.10 7.30
CA VAL A 270 -16.51 -20.87 6.74
C VAL A 270 -15.00 -20.97 6.54
N ARG A 271 -14.52 -20.49 5.39
CA ARG A 271 -13.10 -20.44 5.11
C ARG A 271 -12.58 -19.04 5.42
N ILE A 272 -11.63 -18.96 6.35
CA ILE A 272 -11.13 -17.67 6.81
C ILE A 272 -9.70 -17.39 6.34
N ILE A 273 -9.52 -16.27 5.65
CA ILE A 273 -8.19 -15.86 5.21
C ILE A 273 -7.90 -14.42 5.62
N ALA A 274 -6.64 -14.03 5.51
CA ALA A 274 -6.25 -12.64 5.79
C ALA A 274 -5.28 -12.15 4.73
N GLU A 275 -5.01 -10.86 4.74
CA GLU A 275 -4.08 -10.27 3.78
C GLU A 275 -2.95 -9.50 4.46
N PRO A 276 -2.16 -10.17 5.32
CA PRO A 276 -1.11 -9.42 6.03
C PRO A 276 0.03 -9.00 5.09
N GLY A 277 0.56 -7.81 5.32
CA GLY A 277 1.68 -7.32 4.54
C GLY A 277 2.88 -7.04 5.42
N ARG A 278 2.84 -5.92 6.14
CA ARG A 278 3.97 -5.50 6.97
C ARG A 278 4.33 -6.52 8.06
N TYR A 279 3.34 -7.27 8.53
CA TYR A 279 3.54 -8.25 9.59
C TYR A 279 4.65 -9.25 9.26
N TYR A 280 4.72 -9.66 8.00
CA TYR A 280 5.68 -10.67 7.58
C TYR A 280 7.10 -10.14 7.36
N VAL A 281 7.23 -8.90 6.90
CA VAL A 281 8.51 -8.43 6.38
C VAL A 281 9.15 -7.23 7.09
N ALA A 282 8.36 -6.51 7.89
CA ALA A 282 8.83 -5.25 8.48
C ALA A 282 10.15 -5.38 9.24
N SER A 283 10.18 -6.27 10.23
CA SER A 283 11.33 -6.36 11.13
C SER A 283 12.48 -7.18 10.57
N ALA A 284 12.26 -7.80 9.40
CA ALA A 284 13.28 -8.64 8.80
C ALA A 284 14.36 -7.84 8.05
N PHE A 285 14.07 -6.59 7.73
CA PHE A 285 14.99 -5.79 6.93
C PHE A 285 15.69 -4.69 7.73
N THR A 286 16.99 -4.55 7.52
CA THR A 286 17.75 -3.44 8.07
C THR A 286 18.42 -2.68 6.94
N LEU A 287 18.20 -1.36 6.92
CA LEU A 287 18.73 -0.51 5.87
C LEU A 287 20.01 0.20 6.29
N ALA A 288 21.02 0.11 5.44
CA ALA A 288 22.28 0.83 5.64
C ALA A 288 22.39 1.96 4.62
N VAL A 289 22.46 3.20 5.12
CA VAL A 289 22.67 4.35 4.25
C VAL A 289 24.03 4.99 4.55
N ASN A 290 24.53 5.78 3.61
CA ASN A 290 25.83 6.40 3.76
C ASN A 290 25.74 7.93 3.73
N ILE A 291 26.39 8.58 4.69
CA ILE A 291 26.40 10.03 4.76
C ILE A 291 27.17 10.63 3.58
N ILE A 292 26.45 11.30 2.69
CA ILE A 292 27.07 11.89 1.50
C ILE A 292 27.40 13.38 1.65
N ALA A 293 26.76 14.05 2.60
CA ALA A 293 27.11 15.44 2.89
C ALA A 293 26.92 15.80 4.35
N LYS A 294 27.44 16.96 4.75
CA LYS A 294 27.45 17.34 6.16
C LYS A 294 27.50 18.86 6.32
N LYS A 295 26.66 19.38 7.21
CA LYS A 295 26.66 20.80 7.51
C LYS A 295 26.60 21.06 9.01
N ILE A 296 27.29 22.12 9.43
CA ILE A 296 27.31 22.54 10.81
C ILE A 296 26.43 23.78 10.94
N VAL A 297 25.55 23.79 11.94
CA VAL A 297 24.66 24.93 12.14
C VAL A 297 24.77 25.48 13.55
N LEU A 298 25.25 26.71 13.65
CA LEU A 298 25.38 27.36 14.95
C LEU A 298 24.35 28.47 15.11
N LYS A 299 23.47 28.31 16.08
CA LYS A 299 22.47 29.33 16.38
C LYS A 299 22.98 30.27 17.46
N GLU A 300 23.01 31.55 17.14
CA GLU A 300 23.56 32.57 18.04
C GLU A 300 22.53 33.66 18.31
N GLN A 301 22.31 33.95 19.59
CA GLN A 301 21.41 35.02 19.99
C GLN A 301 21.76 35.53 21.38
N THR A 302 21.93 36.85 21.51
CA THR A 302 22.30 37.45 22.77
C THR A 302 21.08 37.69 23.67
N GLY A 303 21.33 37.92 24.95
CA GLY A 303 20.27 38.15 25.91
C GLY A 303 20.77 38.27 27.33
N SER A 310 21.15 31.60 23.25
CA SER A 310 21.16 30.15 23.20
C SER A 310 22.57 29.61 22.94
N SER A 311 23.17 30.05 21.85
CA SER A 311 24.50 29.60 21.45
C SER A 311 24.57 28.08 21.31
N GLU A 312 23.89 27.54 20.32
CA GLU A 312 23.82 26.08 20.17
C GLU A 312 24.39 25.55 18.86
N GLN A 313 25.27 24.56 18.98
CA GLN A 313 25.92 23.95 17.83
C GLN A 313 25.27 22.61 17.47
N THR A 314 24.66 22.56 16.29
CA THR A 314 23.98 21.35 15.83
C THR A 314 24.57 20.86 14.51
N PHE A 315 24.28 19.61 14.17
CA PHE A 315 24.76 19.03 12.92
C PHE A 315 23.60 18.57 12.05
N MET A 316 23.79 18.64 10.74
CA MET A 316 22.84 18.01 9.83
C MET A 316 23.57 17.20 8.75
N TYR A 317 23.11 15.97 8.55
CA TYR A 317 23.79 15.05 7.64
C TYR A 317 22.89 14.70 6.47
N TYR A 318 23.47 14.61 5.29
CA TYR A 318 22.75 14.19 4.10
C TYR A 318 23.19 12.78 3.70
N VAL A 319 22.22 11.88 3.61
CA VAL A 319 22.49 10.49 3.26
C VAL A 319 21.98 10.13 1.87
N ASN A 320 22.39 8.96 1.37
CA ASN A 320 22.08 8.55 0.01
C ASN A 320 20.77 7.78 -0.13
N ASP A 321 19.79 8.15 0.69
CA ASP A 321 18.43 7.63 0.60
C ASP A 321 17.51 8.60 1.33
N GLY A 322 16.22 8.59 0.98
CA GLY A 322 15.30 9.54 1.57
C GLY A 322 13.82 9.20 1.41
N VAL A 323 12.98 10.19 1.65
CA VAL A 323 11.53 10.00 1.66
C VAL A 323 10.94 9.64 0.30
N TYR A 324 11.69 9.90 -0.77
CA TYR A 324 11.25 9.52 -2.11
C TYR A 324 11.89 8.21 -2.53
N GLY A 325 12.65 7.61 -1.61
CA GLY A 325 13.28 6.33 -1.83
C GLY A 325 12.70 5.26 -0.92
N SER A 326 13.39 4.97 0.18
CA SER A 326 12.99 3.93 1.10
C SER A 326 12.11 4.47 2.23
N PHE A 327 12.04 5.79 2.34
CA PHE A 327 11.36 6.40 3.47
C PHE A 327 10.04 7.07 3.13
N ASN A 328 9.23 6.45 2.26
CA ASN A 328 7.90 6.98 1.98
C ASN A 328 7.04 7.12 3.23
N CYS A 329 7.28 6.26 4.21
CA CYS A 329 6.54 6.27 5.47
C CYS A 329 6.61 7.62 6.20
N ILE A 330 7.66 8.39 5.95
CA ILE A 330 7.78 9.73 6.52
C ILE A 330 6.66 10.62 5.98
N LEU A 331 6.41 10.50 4.68
CA LEU A 331 5.37 11.28 4.02
C LEU A 331 3.98 10.69 4.24
N TYR A 332 3.91 9.37 4.39
CA TYR A 332 2.64 8.66 4.51
C TYR A 332 2.05 8.73 5.91
N ASP A 333 2.85 8.35 6.90
CA ASP A 333 2.34 8.13 8.25
C ASP A 333 2.99 9.05 9.28
N HIS A 334 3.78 10.00 8.81
CA HIS A 334 4.59 10.84 9.68
C HIS A 334 5.42 9.96 10.63
N ALA A 335 6.03 8.93 10.08
CA ALA A 335 6.78 7.97 10.88
C ALA A 335 8.01 8.60 11.53
N HIS A 336 8.31 8.16 12.74
CA HIS A 336 9.52 8.60 13.42
C HIS A 336 10.56 7.48 13.42
N VAL A 337 11.45 7.51 12.43
CA VAL A 337 12.51 6.51 12.36
C VAL A 337 13.67 6.89 13.28
N LYS A 338 14.31 5.87 13.84
CA LYS A 338 15.44 6.09 14.74
C LYS A 338 16.72 5.55 14.12
N PRO A 339 17.73 6.41 13.97
CA PRO A 339 19.01 6.01 13.37
C PRO A 339 19.84 5.21 14.38
N LEU A 340 20.59 4.24 13.88
CA LEU A 340 21.47 3.44 14.73
C LEU A 340 22.91 3.54 14.24
N LEU A 341 23.82 3.76 15.19
CA LEU A 341 25.24 3.81 14.87
C LEU A 341 25.75 2.42 14.52
N GLN A 342 26.38 2.31 13.35
CA GLN A 342 27.07 1.09 12.98
C GLN A 342 28.40 1.09 13.71
N LYS A 343 28.87 2.29 14.01
CA LYS A 343 30.12 2.49 14.74
C LYS A 343 29.85 3.05 16.12
N ARG A 344 29.38 2.20 17.03
CA ARG A 344 29.09 2.62 18.40
C ARG A 344 30.37 3.01 19.14
N PRO A 345 30.32 4.14 19.88
CA PRO A 345 31.47 4.65 20.62
C PRO A 345 31.47 4.18 22.07
N GLU A 349 33.12 10.46 23.60
CA GLU A 349 32.31 11.04 22.54
C GLU A 349 31.18 11.92 23.10
N LYS A 350 31.14 13.16 22.66
CA LYS A 350 30.08 14.09 23.06
C LYS A 350 28.94 14.01 22.04
N TYR A 351 27.71 14.13 22.52
CA TYR A 351 26.55 14.08 21.64
C TYR A 351 26.05 15.49 21.28
N TYR A 352 25.70 15.67 20.01
CA TYR A 352 25.17 16.94 19.53
C TYR A 352 23.78 16.75 18.95
N SER A 353 22.95 17.79 19.04
CA SER A 353 21.66 17.75 18.37
C SER A 353 21.88 17.65 16.86
N SER A 354 21.16 16.74 16.23
CA SER A 354 21.43 16.40 14.83
C SER A 354 20.17 16.12 14.04
N SER A 355 20.22 16.40 12.75
CA SER A 355 19.13 16.04 11.85
C SER A 355 19.66 15.29 10.64
N ILE A 356 18.82 14.42 10.06
CA ILE A 356 19.22 13.63 8.90
C ILE A 356 18.28 13.87 7.73
N TRP A 357 18.86 14.11 6.56
CA TRP A 357 18.11 14.45 5.35
C TRP A 357 18.46 13.52 4.19
N GLY A 358 17.55 13.45 3.22
CA GLY A 358 17.78 12.70 2.00
C GLY A 358 18.60 13.51 1.01
N PRO A 359 18.93 12.90 -0.14
CA PRO A 359 19.83 13.51 -1.13
C PRO A 359 19.14 14.47 -2.09
N THR A 360 17.82 14.63 -1.96
CA THR A 360 17.08 15.42 -2.94
C THR A 360 17.03 16.92 -2.62
N CYS A 361 17.35 17.27 -1.38
CA CYS A 361 17.32 18.66 -0.93
C CYS A 361 15.95 19.31 -1.08
N ASP A 362 14.92 18.47 -1.21
CA ASP A 362 13.54 18.94 -1.22
C ASP A 362 13.15 19.26 0.21
N GLY A 363 12.28 20.25 0.39
CA GLY A 363 11.86 20.68 1.72
C GLY A 363 11.20 19.59 2.54
N LEU A 364 10.73 18.53 1.89
CA LEU A 364 10.03 17.45 2.58
C LEU A 364 10.93 16.24 2.82
N ASP A 365 12.13 16.25 2.23
CA ASP A 365 13.04 15.12 2.35
C ASP A 365 13.82 15.17 3.66
N ARG A 366 13.09 15.20 4.77
CA ARG A 366 13.71 15.14 6.09
C ARG A 366 13.41 13.79 6.73
N ILE A 367 14.44 13.03 7.06
CA ILE A 367 14.27 11.67 7.58
C ILE A 367 14.15 11.66 9.10
N VAL A 368 15.01 12.43 9.76
CA VAL A 368 14.98 12.56 11.21
C VAL A 368 15.11 14.04 11.59
N GLU A 369 14.07 14.58 12.22
CA GLU A 369 14.04 16.00 12.58
C GLU A 369 15.06 16.36 13.65
N ARG A 370 15.14 15.54 14.69
CA ARG A 370 16.07 15.79 15.79
C ARG A 370 16.44 14.50 16.52
N CYS A 371 17.74 14.30 16.72
CA CYS A 371 18.23 13.13 17.43
C CYS A 371 19.63 13.41 17.96
N ASP A 372 20.04 12.68 19.00
CA ASP A 372 21.37 12.88 19.59
C ASP A 372 22.39 11.94 18.98
N LEU A 373 23.39 12.50 18.31
CA LEU A 373 24.40 11.71 17.63
C LEU A 373 25.80 12.25 17.91
N PRO A 374 26.82 11.38 17.80
CA PRO A 374 28.20 11.88 17.82
C PRO A 374 28.47 12.64 16.53
N GLU A 375 29.59 13.35 16.46
CA GLU A 375 29.96 14.01 15.22
C GLU A 375 30.40 12.96 14.22
N MET A 376 29.66 12.85 13.12
CA MET A 376 30.01 11.87 12.10
C MET A 376 30.60 12.52 10.86
N HIS A 377 31.00 11.72 9.89
CA HIS A 377 31.70 12.22 8.72
C HIS A 377 31.14 11.65 7.43
N VAL A 378 31.40 12.35 6.32
CA VAL A 378 31.04 11.86 5.00
C VAL A 378 31.72 10.53 4.75
N GLY A 379 30.93 9.48 4.52
CA GLY A 379 31.48 8.16 4.32
C GLY A 379 31.09 7.21 5.43
N ASP A 380 30.67 7.76 6.57
CA ASP A 380 30.17 6.95 7.67
C ASP A 380 28.84 6.31 7.28
N TRP A 381 28.50 5.21 7.95
CA TRP A 381 27.25 4.52 7.68
C TRP A 381 26.27 4.68 8.84
N MET A 382 24.98 4.67 8.49
CA MET A 382 23.93 4.64 9.50
C MET A 382 22.90 3.55 9.20
N LEU A 383 22.42 2.91 10.25
CA LEU A 383 21.49 1.80 10.11
C LEU A 383 20.10 2.14 10.62
N PHE A 384 19.08 1.68 9.90
CA PHE A 384 17.70 1.84 10.31
C PHE A 384 17.03 0.47 10.29
N GLU A 385 16.52 0.05 11.44
CA GLU A 385 15.88 -1.27 11.54
C GLU A 385 14.41 -1.20 11.16
N ASN A 386 13.78 -2.37 11.10
CA ASN A 386 12.36 -2.48 10.75
C ASN A 386 11.99 -1.81 9.44
N MET A 387 12.82 -2.02 8.41
CA MET A 387 12.64 -1.36 7.12
C MET A 387 12.26 -2.32 6.00
N GLY A 388 11.38 -3.27 6.31
CA GLY A 388 10.97 -4.26 5.31
C GLY A 388 9.65 -3.97 4.62
N ALA A 389 8.83 -3.11 5.21
CA ALA A 389 7.50 -2.85 4.69
C ALA A 389 7.38 -1.51 3.96
N TYR A 390 6.97 -1.58 2.70
CA TYR A 390 6.73 -0.38 1.89
C TYR A 390 7.98 0.50 1.77
N THR A 391 9.13 -0.15 1.66
CA THR A 391 10.40 0.55 1.54
C THR A 391 11.04 0.23 0.20
N VAL A 392 11.46 -1.03 0.04
CA VAL A 392 12.00 -1.52 -1.23
C VAL A 392 10.98 -1.39 -2.36
N ALA A 393 11.39 -0.71 -3.43
CA ALA A 393 10.55 -0.49 -4.61
C ALA A 393 9.19 0.13 -4.26
N SER A 396 11.76 4.41 -7.46
CA SER A 396 11.24 3.20 -8.09
C SER A 396 11.67 3.12 -9.55
N THR A 397 11.02 2.26 -10.31
CA THR A 397 11.29 2.12 -11.73
C THR A 397 10.82 3.37 -12.48
N PHE A 398 9.76 3.99 -11.96
CA PHE A 398 9.22 5.21 -12.54
C PHE A 398 10.20 6.37 -12.37
N ASN A 399 10.67 6.58 -11.15
CA ASN A 399 11.61 7.65 -10.87
C ASN A 399 12.99 7.38 -11.46
N GLY A 400 13.23 6.14 -11.83
CA GLY A 400 14.52 5.74 -12.37
C GLY A 400 15.44 5.22 -11.29
N PHE A 401 15.01 5.36 -10.04
CA PHE A 401 15.77 4.90 -8.89
C PHE A 401 15.82 3.38 -8.86
N GLN A 402 16.96 2.83 -9.27
CA GLN A 402 17.16 1.37 -9.27
C GLN A 402 17.06 0.82 -7.85
N ARG A 403 16.38 -0.31 -7.73
CA ARG A 403 16.21 -0.99 -6.45
C ARG A 403 17.56 -1.21 -5.77
N PRO A 404 17.66 -0.86 -4.48
CA PRO A 404 18.89 -1.08 -3.73
C PRO A 404 19.19 -2.57 -3.58
N THR A 405 20.46 -2.91 -3.53
CA THR A 405 20.86 -4.31 -3.39
C THR A 405 20.44 -4.85 -2.03
N ILE A 406 19.92 -6.08 -2.04
CA ILE A 406 19.52 -6.75 -0.82
C ILE A 406 20.35 -8.01 -0.59
N TYR A 407 20.87 -8.16 0.63
CA TYR A 407 21.58 -9.37 1.02
C TYR A 407 20.70 -10.18 1.96
N TYR A 408 20.25 -11.35 1.51
CA TYR A 408 19.47 -12.24 2.35
C TYR A 408 20.35 -13.18 3.16
N VAL A 409 19.97 -13.39 4.41
CA VAL A 409 20.73 -14.26 5.31
C VAL A 409 19.80 -15.25 6.00
N MET A 410 20.24 -16.51 6.04
CA MET A 410 19.48 -17.57 6.68
C MET A 410 20.43 -18.45 7.48
N SER A 411 20.14 -18.61 8.77
CA SER A 411 20.96 -19.46 9.62
C SER A 411 20.77 -20.92 9.22
N GLY A 412 21.69 -21.77 9.65
CA GLY A 412 21.61 -23.20 9.41
C GLY A 412 20.26 -23.81 9.77
N PRO A 413 19.89 -23.75 11.06
CA PRO A 413 18.58 -24.24 11.51
C PRO A 413 17.40 -23.60 10.78
N ALA A 414 17.52 -22.32 10.46
CA ALA A 414 16.45 -21.64 9.72
C ALA A 414 16.34 -22.20 8.31
N TRP A 415 17.47 -22.61 7.74
CA TRP A 415 17.45 -23.19 6.39
C TRP A 415 16.97 -24.63 6.43
N GLN A 416 17.14 -25.28 7.58
CA GLN A 416 16.60 -26.62 7.77
C GLN A 416 15.07 -26.54 7.87
N LEU A 417 14.59 -25.58 8.66
CA LEU A 417 13.17 -25.33 8.80
C LEU A 417 12.58 -24.92 7.46
N MET A 418 13.37 -24.22 6.67
CA MET A 418 12.99 -23.85 5.31
C MET A 418 12.86 -25.11 4.46
N GLN A 419 13.81 -26.03 4.64
CA GLN A 419 13.81 -27.28 3.89
C GLN A 419 12.67 -28.20 4.32
N GLN A 420 12.11 -27.94 5.50
CA GLN A 420 10.97 -28.72 5.99
C GLN A 420 9.73 -28.51 5.12
N PHE A 421 9.33 -27.25 4.95
CA PHE A 421 8.13 -26.92 4.18
C PHE A 421 8.26 -27.32 2.71
N GLN A 422 9.49 -27.33 2.20
CA GLN A 422 9.75 -27.69 0.82
C GLN A 422 10.39 -29.06 0.71
N PHE B 11 -15.72 25.96 -25.76
CA PHE B 11 -15.95 24.62 -25.23
C PHE B 11 -16.31 23.63 -26.34
N TYR B 12 -15.81 22.41 -26.20
CA TYR B 12 -16.06 21.35 -27.18
C TYR B 12 -16.41 20.05 -26.45
N SER B 13 -17.52 19.42 -26.84
CA SER B 13 -17.91 18.15 -26.24
C SER B 13 -16.94 17.05 -26.65
N ASP B 14 -16.21 16.53 -25.68
CA ASP B 14 -15.19 15.51 -25.95
C ASP B 14 -15.80 14.10 -25.97
N ASP B 15 -16.15 13.59 -24.80
CA ASP B 15 -16.69 12.24 -24.69
C ASP B 15 -17.94 12.21 -23.82
N ARG B 16 -18.83 11.28 -24.12
CA ARG B 16 -20.00 11.05 -23.29
C ARG B 16 -20.22 9.55 -23.08
N LEU B 17 -20.24 9.13 -21.82
CA LEU B 17 -20.57 7.75 -21.47
C LEU B 17 -21.81 7.76 -20.59
N ASN B 18 -22.17 6.59 -20.07
CA ASN B 18 -23.27 6.50 -19.11
C ASN B 18 -22.87 7.04 -17.74
N VAL B 19 -21.57 7.24 -17.53
CA VAL B 19 -21.06 7.68 -16.22
C VAL B 19 -20.18 8.92 -16.29
N THR B 20 -19.91 9.41 -17.50
CA THR B 20 -19.03 10.57 -17.65
C THR B 20 -19.47 11.53 -18.76
N GLU B 21 -19.07 12.78 -18.60
CA GLU B 21 -19.24 13.80 -19.62
C GLU B 21 -18.04 14.73 -19.60
N GLU B 22 -17.26 14.74 -20.69
CA GLU B 22 -16.06 15.55 -20.74
C GLU B 22 -16.21 16.68 -21.75
N LEU B 23 -15.79 17.88 -21.36
CA LEU B 23 -15.77 19.01 -22.30
C LEU B 23 -14.40 19.69 -22.34
N THR B 24 -13.93 19.96 -23.56
CA THR B 24 -12.58 20.49 -23.78
C THR B 24 -12.55 22.02 -23.76
N SER B 25 -11.52 22.58 -23.13
CA SER B 25 -11.28 24.02 -23.17
C SER B 25 -10.08 24.33 -24.06
N ASN B 26 -10.20 25.39 -24.85
CA ASN B 26 -9.17 25.75 -25.83
C ASN B 26 -7.81 26.09 -25.22
N ASP B 27 -6.78 25.36 -25.64
CA ASP B 27 -5.41 25.59 -25.19
C ASP B 27 -4.43 24.81 -26.07
N LYS B 28 -3.14 25.04 -25.88
CA LYS B 28 -2.12 24.29 -26.60
C LYS B 28 -2.22 22.81 -26.24
N THR B 29 -1.97 22.48 -24.97
CA THR B 29 -2.24 21.14 -24.47
C THR B 29 -3.70 21.08 -24.04
N ARG B 30 -4.36 19.98 -24.37
CA ARG B 30 -5.82 19.90 -24.25
C ARG B 30 -6.32 19.84 -22.81
N ILE B 31 -7.08 20.86 -22.42
CA ILE B 31 -7.70 20.90 -21.09
C ILE B 31 -9.03 20.17 -21.12
N LEU B 32 -9.20 19.22 -20.20
CA LEU B 32 -10.42 18.43 -20.13
C LEU B 32 -11.16 18.63 -18.81
N ASN B 33 -12.38 19.14 -18.91
CA ASN B 33 -13.28 19.19 -17.76
C ASN B 33 -14.09 17.90 -17.72
N VAL B 34 -13.79 17.07 -16.72
CA VAL B 34 -14.34 15.73 -16.65
C VAL B 34 -15.38 15.60 -15.55
N GLN B 35 -16.64 15.49 -15.93
CA GLN B 35 -17.71 15.35 -14.95
C GLN B 35 -18.14 13.90 -14.82
N SER B 36 -17.98 13.36 -13.61
CA SER B 36 -18.50 12.03 -13.31
C SER B 36 -19.94 12.14 -12.86
N ARG B 37 -20.78 11.23 -13.36
CA ARG B 37 -22.20 11.20 -13.05
C ARG B 37 -22.65 9.81 -12.61
N LEU B 38 -22.20 9.39 -11.43
CA LEU B 38 -22.56 8.06 -10.92
C LEU B 38 -24.01 8.03 -10.46
N THR B 39 -24.67 6.90 -10.70
CA THR B 39 -26.07 6.73 -10.32
C THR B 39 -26.27 6.90 -8.82
N ASP B 40 -27.25 7.71 -8.46
CA ASP B 40 -27.55 8.03 -7.06
C ASP B 40 -26.32 8.56 -6.34
N ALA B 41 -25.59 9.44 -7.01
CA ALA B 41 -24.40 10.06 -6.46
C ALA B 41 -24.21 11.46 -7.06
N LYS B 42 -23.74 12.39 -6.24
CA LYS B 42 -23.58 13.76 -6.68
C LYS B 42 -22.51 13.86 -7.77
N ARG B 43 -22.80 14.63 -8.81
CA ARG B 43 -21.88 14.81 -9.93
C ARG B 43 -20.58 15.46 -9.49
N ILE B 44 -19.46 15.01 -10.03
CA ILE B 44 -18.17 15.56 -9.62
C ILE B 44 -17.34 16.04 -10.80
N ASN B 45 -16.98 17.32 -10.78
CA ASN B 45 -16.16 17.91 -11.84
C ASN B 45 -14.68 17.93 -11.49
N TRP B 46 -13.87 17.30 -12.35
CA TRP B 46 -12.42 17.34 -12.20
C TRP B 46 -11.81 18.13 -13.33
N ARG B 47 -10.91 19.06 -13.01
CA ARG B 47 -10.15 19.74 -14.03
C ARG B 47 -8.87 18.95 -14.29
N THR B 48 -8.70 18.52 -15.54
CA THR B 48 -7.54 17.74 -15.93
C THR B 48 -6.88 18.34 -17.16
N VAL B 49 -5.61 17.99 -17.38
CA VAL B 49 -4.93 18.41 -18.60
C VAL B 49 -4.22 17.25 -19.26
N LEU B 50 -4.35 17.15 -20.58
CA LEU B 50 -3.72 16.09 -21.35
C LEU B 50 -2.47 16.60 -22.05
N SER B 51 -1.32 16.16 -21.57
CA SER B 51 -0.03 16.58 -22.13
C SER B 51 0.94 15.41 -22.20
N GLY B 52 1.59 15.26 -23.35
CA GLY B 52 2.59 14.23 -23.54
C GLY B 52 2.08 12.82 -23.26
N GLY B 53 0.84 12.55 -23.65
CA GLY B 53 0.25 11.24 -23.45
C GLY B 53 0.00 10.92 -21.98
N SER B 54 -0.03 11.96 -21.15
CA SER B 54 -0.34 11.79 -19.74
C SER B 54 -1.43 12.76 -19.30
N LEU B 55 -2.24 12.32 -18.35
CA LEU B 55 -3.30 13.15 -17.82
C LEU B 55 -2.91 13.63 -16.42
N TYR B 56 -3.05 14.93 -16.20
CA TYR B 56 -2.73 15.52 -14.90
C TYR B 56 -4.02 16.06 -14.28
N ILE B 57 -4.40 15.51 -13.13
CA ILE B 57 -5.66 15.86 -12.49
C ILE B 57 -5.44 16.80 -11.30
N GLU B 58 -6.12 17.94 -11.32
CA GLU B 58 -5.98 18.88 -10.21
C GLU B 58 -6.89 18.52 -9.04
N ILE B 59 -6.28 18.15 -7.92
CA ILE B 59 -7.02 17.90 -6.69
C ILE B 59 -7.29 19.24 -6.01
N PRO B 60 -8.58 19.56 -5.81
CA PRO B 60 -8.98 20.86 -5.29
C PRO B 60 -8.79 20.97 -3.77
N GLY B 61 -8.58 22.19 -3.29
CA GLY B 61 -8.44 22.43 -1.87
C GLY B 61 -9.68 22.01 -1.11
N GLY B 62 -9.47 21.48 0.10
CA GLY B 62 -10.57 21.03 0.93
C GLY B 62 -10.83 19.55 0.76
N ALA B 63 -11.86 19.06 1.43
CA ALA B 63 -12.21 17.64 1.39
C ALA B 63 -12.70 17.21 0.01
N LEU B 64 -12.45 15.95 -0.33
CA LEU B 64 -12.94 15.38 -1.58
C LEU B 64 -14.42 15.01 -1.45
N PRO B 65 -15.20 15.25 -2.51
CA PRO B 65 -16.65 15.03 -2.51
C PRO B 65 -17.03 13.57 -2.30
N GLU B 66 -18.30 13.33 -1.99
CA GLU B 66 -18.83 11.98 -1.86
C GLU B 66 -18.78 11.25 -3.21
N GLY B 67 -18.28 10.02 -3.19
CA GLY B 67 -18.20 9.21 -4.39
C GLY B 67 -16.94 9.48 -5.19
N SER B 68 -15.96 10.11 -4.55
CA SER B 68 -14.69 10.43 -5.19
C SER B 68 -13.96 9.17 -5.64
N LYS B 69 -14.18 8.06 -4.94
CA LYS B 69 -13.56 6.80 -5.30
C LYS B 69 -14.06 6.29 -6.65
N ASP B 70 -15.38 6.15 -6.80
CA ASP B 70 -15.96 5.67 -8.04
C ASP B 70 -15.70 6.66 -9.17
N SER B 71 -15.78 7.94 -8.82
CA SER B 71 -15.49 9.01 -9.77
C SER B 71 -14.08 8.83 -10.33
N PHE B 72 -13.14 8.51 -9.45
CA PHE B 72 -11.77 8.28 -9.87
C PHE B 72 -11.61 6.98 -10.65
N ALA B 73 -12.43 5.99 -10.32
CA ALA B 73 -12.41 4.73 -11.06
C ALA B 73 -12.77 4.96 -12.51
N VAL B 74 -13.88 5.67 -12.72
CA VAL B 74 -14.34 5.94 -14.07
C VAL B 74 -13.42 6.92 -14.78
N LEU B 75 -12.80 7.81 -14.02
CA LEU B 75 -11.84 8.76 -14.58
C LEU B 75 -10.62 8.01 -15.12
N LEU B 76 -10.10 7.08 -14.31
CA LEU B 76 -8.96 6.24 -14.69
C LEU B 76 -9.28 5.39 -15.91
N GLU B 77 -10.44 4.74 -15.88
CA GLU B 77 -10.88 3.93 -17.01
C GLU B 77 -10.98 4.77 -18.28
N PHE B 78 -11.40 6.03 -18.12
CA PHE B 78 -11.49 6.95 -19.24
C PHE B 78 -10.09 7.31 -19.76
N ALA B 79 -9.14 7.41 -18.83
CA ALA B 79 -7.78 7.75 -19.17
C ALA B 79 -7.09 6.62 -19.95
N GLU B 80 -7.38 5.38 -19.56
CA GLU B 80 -6.79 4.24 -20.25
C GLU B 80 -7.48 3.95 -21.58
N GLU B 81 -8.81 3.84 -21.56
CA GLU B 81 -9.58 3.47 -22.74
C GLU B 81 -9.61 4.55 -23.82
N GLN B 82 -10.16 5.71 -23.48
CA GLN B 82 -10.39 6.76 -24.47
C GLN B 82 -9.16 7.61 -24.76
N LEU B 83 -8.44 8.00 -23.71
CA LEU B 83 -7.27 8.84 -23.87
C LEU B 83 -6.03 8.04 -24.26
N ARG B 84 -6.07 6.73 -23.98
CA ARG B 84 -4.92 5.86 -24.19
C ARG B 84 -3.68 6.42 -23.52
N ALA B 85 -3.85 6.91 -22.29
CA ALA B 85 -2.75 7.53 -21.55
C ALA B 85 -1.75 6.48 -21.08
N ASP B 86 -0.50 6.89 -20.97
CA ASP B 86 0.53 6.03 -20.39
C ASP B 86 0.56 6.21 -18.88
N HIS B 87 0.29 7.44 -18.43
CA HIS B 87 0.27 7.75 -17.01
C HIS B 87 -0.86 8.70 -16.65
N VAL B 88 -1.27 8.65 -15.38
CA VAL B 88 -2.21 9.61 -14.83
C VAL B 88 -1.58 10.23 -13.59
N PHE B 89 -1.63 11.55 -13.49
CA PHE B 89 -0.98 12.24 -12.38
C PHE B 89 -1.96 12.91 -11.42
N ILE B 90 -1.68 12.74 -10.13
CA ILE B 90 -2.36 13.50 -9.09
C ILE B 90 -1.48 14.69 -8.72
N CYS B 91 -2.02 15.89 -8.91
CA CYS B 91 -1.29 17.12 -8.60
C CYS B 91 -2.03 17.87 -7.52
N PHE B 92 -1.35 18.19 -6.41
CA PHE B 92 -2.00 19.01 -5.39
C PHE B 92 -1.06 19.93 -4.62
N HIS B 93 -1.63 20.93 -3.96
CA HIS B 93 -0.86 21.90 -3.20
C HIS B 93 -0.13 21.22 -2.05
N LYS B 94 1.20 21.36 -2.03
CA LYS B 94 2.03 20.68 -1.04
C LYS B 94 1.73 21.11 0.39
N ASN B 95 1.39 22.39 0.56
CA ASN B 95 1.14 22.95 1.88
C ASN B 95 -0.29 22.77 2.35
N ARG B 96 -0.73 21.51 2.45
CA ARG B 96 -2.05 21.17 2.96
C ARG B 96 -1.93 20.46 4.30
N GLU B 97 -2.96 20.56 5.13
CA GLU B 97 -2.94 19.90 6.42
C GLU B 97 -3.29 18.42 6.28
N ASP B 98 -3.76 18.04 5.10
CA ASP B 98 -4.18 16.66 4.84
C ASP B 98 -3.35 16.01 3.72
N ARG B 99 -2.12 16.48 3.58
CA ARG B 99 -1.21 15.96 2.55
C ARG B 99 -0.97 14.45 2.69
N ALA B 100 -0.63 14.03 3.90
CA ALA B 100 -0.34 12.62 4.17
C ALA B 100 -1.56 11.74 3.90
N ALA B 101 -2.75 12.24 4.24
CA ALA B 101 -3.99 11.51 3.99
C ALA B 101 -4.22 11.29 2.50
N LEU B 102 -4.04 12.34 1.72
CA LEU B 102 -4.11 12.24 0.26
C LEU B 102 -3.11 11.20 -0.27
N LEU B 103 -1.85 11.38 0.11
CA LEU B 103 -0.78 10.47 -0.32
C LEU B 103 -1.12 9.01 -0.02
N ARG B 104 -1.58 8.74 1.20
CA ARG B 104 -2.00 7.40 1.59
C ARG B 104 -3.15 6.89 0.72
N THR B 105 -4.13 7.76 0.49
CA THR B 105 -5.33 7.43 -0.27
C THR B 105 -4.99 6.97 -1.69
N PHE B 106 -4.30 7.84 -2.42
CA PHE B 106 -3.94 7.51 -3.79
C PHE B 106 -2.94 6.36 -3.83
N SER B 107 -2.13 6.24 -2.78
CA SER B 107 -1.24 5.09 -2.64
C SER B 107 -2.06 3.81 -2.68
N PHE B 108 -3.13 3.76 -1.89
CA PHE B 108 -4.05 2.63 -1.90
C PHE B 108 -4.62 2.44 -3.31
N LEU B 109 -5.03 3.53 -3.92
CA LEU B 109 -5.53 3.48 -5.30
C LEU B 109 -4.50 3.00 -6.31
N GLY B 110 -3.23 3.00 -5.93
CA GLY B 110 -2.18 2.49 -6.79
C GLY B 110 -1.18 3.53 -7.27
N PHE B 111 -1.35 4.77 -6.81
CA PHE B 111 -0.42 5.83 -7.15
C PHE B 111 0.85 5.73 -6.32
N GLU B 112 1.94 6.23 -6.87
CA GLU B 112 3.21 6.28 -6.14
C GLU B 112 3.78 7.69 -6.17
N ILE B 113 4.55 8.04 -5.14
CA ILE B 113 5.08 9.38 -5.01
C ILE B 113 6.13 9.67 -6.08
N VAL B 114 5.97 10.82 -6.75
CA VAL B 114 6.87 11.22 -7.82
C VAL B 114 8.03 12.03 -7.26
N ARG B 115 9.26 11.67 -7.65
CA ARG B 115 10.44 12.40 -7.24
C ARG B 115 10.39 13.82 -7.81
N PRO B 116 10.59 14.83 -6.94
CA PRO B 116 10.60 16.23 -7.36
C PRO B 116 11.73 16.49 -8.36
N GLY B 117 11.37 16.99 -9.53
CA GLY B 117 12.35 17.23 -10.58
C GLY B 117 12.25 16.21 -11.71
N HIS B 118 11.34 15.26 -11.55
CA HIS B 118 11.07 14.27 -12.59
C HIS B 118 10.66 14.98 -13.88
N PRO B 119 11.12 14.46 -15.04
CA PRO B 119 10.84 15.10 -16.33
C PRO B 119 9.34 15.18 -16.64
N LEU B 120 8.57 14.21 -16.19
CA LEU B 120 7.13 14.17 -16.50
C LEU B 120 6.30 15.05 -15.59
N VAL B 121 6.95 15.74 -14.66
CA VAL B 121 6.27 16.64 -13.74
C VAL B 121 6.80 18.06 -13.88
N PRO B 122 5.89 19.04 -14.00
CA PRO B 122 6.28 20.45 -14.13
C PRO B 122 7.04 20.94 -12.90
N LYS B 123 7.96 21.88 -13.11
CA LYS B 123 8.79 22.38 -12.01
C LYS B 123 8.00 23.29 -11.08
N ARG B 124 7.40 22.70 -10.05
CA ARG B 124 6.68 23.46 -9.02
C ARG B 124 6.93 22.85 -7.64
N PRO B 125 7.83 23.47 -6.87
CA PRO B 125 8.22 22.99 -5.54
C PRO B 125 7.13 23.18 -4.49
N ASP B 126 6.05 23.84 -4.87
CA ASP B 126 4.93 24.07 -3.95
C ASP B 126 3.83 23.04 -4.18
N ALA B 127 4.19 21.94 -4.83
CA ALA B 127 3.21 20.94 -5.20
C ALA B 127 3.71 19.51 -5.02
N CYS B 128 2.79 18.61 -4.67
CA CYS B 128 3.06 17.18 -4.63
C CYS B 128 2.42 16.48 -5.82
N PHE B 129 3.13 15.48 -6.32
CA PHE B 129 2.69 14.70 -7.48
C PHE B 129 2.76 13.21 -7.21
N MET B 130 1.67 12.51 -7.54
CA MET B 130 1.70 11.06 -7.53
C MET B 130 1.38 10.56 -8.94
N ALA B 131 1.85 9.37 -9.28
CA ALA B 131 1.64 8.85 -10.63
C ALA B 131 1.05 7.45 -10.66
N TYR B 132 0.26 7.19 -11.68
CA TYR B 132 -0.36 5.89 -11.92
C TYR B 132 0.02 5.44 -13.32
N THR B 133 0.56 4.23 -13.43
CA THR B 133 0.98 3.71 -14.73
C THR B 133 0.20 2.46 -15.11
N PHE B 134 -0.42 2.49 -16.29
CA PHE B 134 -1.17 1.35 -16.78
C PHE B 134 -0.24 0.23 -17.24
N GLU B 135 -0.76 -0.99 -17.26
CA GLU B 135 0.02 -2.16 -17.65
C GLU B 135 -0.45 -2.72 -18.99
#